data_6QOM
#
_entry.id   6QOM
#
_cell.length_a   73.955
_cell.length_b   79.592
_cell.length_c   85.853
_cell.angle_alpha   90.000
_cell.angle_beta   90.000
_cell.angle_gamma   90.000
#
_symmetry.space_group_name_H-M   'P 21 21 21'
#
loop_
_entity.id
_entity.type
_entity.pdbx_description
1 polymer 'tRNA (guanine-N(1)-)-methyltransferase'
2 non-polymer 3-nitropyridin-2-amine
3 water water
#
_entity_poly.entity_id   1
_entity_poly.type   'polypeptide(L)'
_entity_poly.pdbx_seq_one_letter_code
;GSMKIDVVTIFPEYLQPVRQSLPGKAIDAGLVDVAVHDLRRWTHDVHKSVDDSPYGGGPGMVMKPTVWGDALDEICTSET
LLVVPTPAGYPFTQETAWQWSTEDHLVIACGRYEGIDQRVADDAATRMRVREVSIGDYVLNGGEAAALVIIEAVLRLVPG
VLGNALSAQEDSHSEGMASLLEGPSYTRPPSWRGMDVPPVLLSGDHAKIAAWRAEQSRQRTIERRPDLLGFDSPTGEHGG
DGLS
;
_entity_poly.pdbx_strand_id   A,B
#
# COMPACT_ATOMS: atom_id res chain seq x y z
N SER A 2 23.94 8.32 -2.81
CA SER A 2 23.11 8.59 -1.63
C SER A 2 21.82 9.29 -2.07
N MET A 3 20.69 8.73 -1.65
CA MET A 3 19.38 9.13 -2.17
C MET A 3 18.69 10.19 -1.32
N LYS A 4 17.99 11.12 -2.00
CA LYS A 4 17.17 12.10 -1.31
C LYS A 4 15.71 11.87 -1.65
N ILE A 5 14.86 11.82 -0.61
CA ILE A 5 13.42 11.71 -0.80
C ILE A 5 12.71 12.84 -0.10
N ASP A 6 12.01 13.66 -0.88
CA ASP A 6 11.14 14.68 -0.30
C ASP A 6 9.71 14.26 -0.47
N VAL A 7 8.95 14.28 0.63
CA VAL A 7 7.52 13.98 0.57
C VAL A 7 6.73 15.24 0.89
N VAL A 8 5.72 15.54 0.06
CA VAL A 8 4.85 16.69 0.29
C VAL A 8 3.43 16.20 0.53
N THR A 9 2.84 16.67 1.62
CA THR A 9 1.57 16.14 2.09
C THR A 9 0.93 17.17 3.01
N ILE A 10 -0.39 17.14 3.17
CA ILE A 10 -1.02 17.91 4.23
C ILE A 10 -1.12 17.10 5.53
N PHE A 11 -0.52 15.93 5.58
CA PHE A 11 -0.49 15.11 6.78
C PHE A 11 0.94 14.72 7.11
N PRO A 12 1.80 15.66 7.39
CA PRO A 12 3.20 15.36 7.63
C PRO A 12 3.55 14.40 8.75
N GLU A 13 2.73 14.38 9.80
CA GLU A 13 2.91 13.50 10.93
C GLU A 13 2.77 12.03 10.53
N TYR A 14 1.85 11.77 9.60
CA TYR A 14 1.60 10.45 9.05
C TYR A 14 2.84 9.90 8.45
N LEU A 15 3.58 10.75 7.79
CA LEU A 15 4.73 10.25 7.18
C LEU A 15 6.00 10.42 7.97
N GLN A 16 5.93 10.93 9.20
CA GLN A 16 7.12 11.05 10.03
C GLN A 16 7.61 9.68 10.16
N PRO A 17 8.80 9.42 9.65
CA PRO A 17 9.53 8.16 9.47
C PRO A 17 9.37 7.00 10.45
N VAL A 18 9.46 7.31 11.74
CA VAL A 18 9.42 6.36 12.87
C VAL A 18 10.64 5.43 12.99
N ARG A 19 11.31 5.47 14.13
CA ARG A 19 12.46 4.62 14.36
C ARG A 19 12.01 3.20 14.65
N ILE A 27 15.36 3.78 10.22
CA ILE A 27 16.53 2.99 9.83
C ILE A 27 17.77 3.82 9.66
N ASP A 28 17.76 5.04 10.19
CA ASP A 28 18.88 5.98 10.10
C ASP A 28 20.34 5.53 10.13
N ALA A 29 20.79 4.86 9.09
CA ALA A 29 22.16 4.44 9.01
C ALA A 29 22.86 5.31 7.99
N GLY A 30 22.32 6.49 7.74
CA GLY A 30 22.88 7.45 6.84
C GLY A 30 22.95 7.03 5.41
N LEU A 31 22.02 6.21 4.99
CA LEU A 31 22.01 5.78 3.60
C LEU A 31 21.10 6.69 2.78
N VAL A 32 20.00 7.10 3.37
CA VAL A 32 19.07 7.93 2.65
C VAL A 32 18.55 9.08 3.49
N ASP A 33 18.34 10.22 2.85
CA ASP A 33 17.76 11.34 3.56
C ASP A 33 16.31 11.50 3.11
N VAL A 34 15.39 11.45 4.06
CA VAL A 34 13.98 11.61 3.79
C VAL A 34 13.46 12.85 4.50
N ALA A 35 12.93 13.80 3.75
CA ALA A 35 12.39 14.99 4.34
C ALA A 35 10.90 15.06 4.03
N VAL A 36 10.12 15.42 5.05
CA VAL A 36 8.67 15.57 4.88
C VAL A 36 8.31 17.05 4.95
N HIS A 37 7.49 17.50 4.01
CA HIS A 37 7.09 18.90 3.93
C HIS A 37 5.58 19.05 4.02
N ASP A 38 5.12 19.93 4.89
CA ASP A 38 3.71 20.28 4.96
C ASP A 38 3.32 21.13 3.75
N LEU A 39 2.34 20.67 2.98
CA LEU A 39 1.92 21.39 1.77
C LEU A 39 1.40 22.79 2.10
N ARG A 40 0.86 22.97 3.30
CA ARG A 40 0.28 24.27 3.68
C ARG A 40 1.34 25.38 3.79
N ARG A 41 2.62 25.01 3.81
CA ARG A 41 3.72 25.98 3.73
C ARG A 41 3.61 26.86 2.47
N TRP A 42 3.02 26.32 1.41
CA TRP A 42 2.93 27.03 0.14
C TRP A 42 1.54 27.56 -0.17
N THR A 43 0.66 27.61 0.81
CA THR A 43 -0.66 28.20 0.56
C THR A 43 -0.56 29.73 0.53
N HIS A 44 -1.58 30.38 -0.01
CA HIS A 44 -1.50 31.81 -0.30
C HIS A 44 -2.34 32.63 0.66
N ASP A 45 -3.35 31.98 1.22
CA ASP A 45 -4.35 32.69 2.01
C ASP A 45 -4.26 32.35 3.48
N VAL A 46 -4.92 33.17 4.28
CA VAL A 46 -4.87 33.01 5.71
C VAL A 46 -5.59 31.72 6.11
N HIS A 47 -6.49 31.24 5.25
CA HIS A 47 -7.17 29.96 5.50
C HIS A 47 -6.34 28.74 5.13
N LYS A 48 -5.15 28.97 4.57
CA LYS A 48 -4.25 27.88 4.18
C LYS A 48 -4.96 26.83 3.32
N SER A 49 -5.63 27.31 2.28
CA SER A 49 -6.46 26.50 1.39
C SER A 49 -5.66 25.65 0.39
N VAL A 50 -5.91 24.34 0.32
CA VAL A 50 -5.18 23.49 -0.62
C VAL A 50 -6.05 22.85 -1.71
N ASP A 51 -7.37 22.95 -1.59
CA ASP A 51 -8.21 22.39 -2.65
C ASP A 51 -9.42 23.28 -2.92
N ASP A 52 -10.17 22.92 -3.96
CA ASP A 52 -11.23 23.78 -4.48
C ASP A 52 -12.18 22.92 -5.30
N SER A 53 -13.37 23.42 -5.56
CA SER A 53 -14.39 22.63 -6.27
C SER A 53 -13.94 22.27 -7.68
N PRO A 54 -14.27 21.05 -8.12
CA PRO A 54 -13.89 20.63 -9.46
C PRO A 54 -14.65 21.36 -10.56
N TYR A 55 -13.92 21.85 -11.57
CA TYR A 55 -14.55 22.36 -12.78
C TYR A 55 -15.36 21.26 -13.44
N GLY A 56 -16.58 21.59 -13.86
CA GLY A 56 -17.44 20.59 -14.49
C GLY A 56 -18.40 19.99 -13.49
N GLY A 57 -18.22 20.34 -12.23
CA GLY A 57 -19.11 19.90 -11.16
C GLY A 57 -18.73 18.52 -10.65
N GLY A 58 -19.44 18.07 -9.62
CA GLY A 58 -19.19 16.76 -9.06
C GLY A 58 -18.71 16.81 -7.63
N PRO A 59 -18.52 15.63 -7.03
CA PRO A 59 -18.25 15.47 -5.60
C PRO A 59 -16.79 15.64 -5.24
N GLY A 60 -16.55 15.96 -3.97
CA GLY A 60 -15.20 16.10 -3.47
C GLY A 60 -14.54 17.38 -3.93
N MET A 61 -13.22 17.39 -3.88
CA MET A 61 -12.44 18.57 -4.18
C MET A 61 -11.24 18.17 -5.03
N VAL A 62 -10.65 19.17 -5.68
CA VAL A 62 -9.45 18.98 -6.47
C VAL A 62 -8.36 19.87 -5.88
N MET A 63 -7.12 19.39 -5.80
CA MET A 63 -6.07 20.17 -5.15
C MET A 63 -5.61 21.29 -6.07
N LYS A 64 -5.38 22.47 -5.49
CA LYS A 64 -5.11 23.68 -6.24
C LYS A 64 -3.78 23.67 -6.98
N PRO A 65 -3.79 24.07 -8.26
CA PRO A 65 -2.53 24.11 -9.01
C PRO A 65 -1.57 25.18 -8.51
N THR A 66 -2.07 26.33 -8.07
CA THR A 66 -1.16 27.41 -7.64
C THR A 66 -0.33 27.00 -6.43
N VAL A 67 -0.94 26.23 -5.54
CA VAL A 67 -0.25 25.82 -4.33
C VAL A 67 0.79 24.75 -4.65
N TRP A 68 0.37 23.71 -5.36
CA TRP A 68 1.29 22.62 -5.75
C TRP A 68 2.42 23.12 -6.65
N GLY A 69 2.08 24.02 -7.58
CA GLY A 69 3.08 24.57 -8.47
C GLY A 69 4.22 25.24 -7.71
N ASP A 70 3.88 26.02 -6.68
CA ASP A 70 4.88 26.69 -5.85
C ASP A 70 5.72 25.68 -5.09
N ALA A 71 5.06 24.68 -4.52
CA ALA A 71 5.76 23.69 -3.72
C ALA A 71 6.80 22.96 -4.57
N LEU A 72 6.37 22.45 -5.72
CA LEU A 72 7.27 21.70 -6.58
C LEU A 72 8.36 22.61 -7.18
N ASP A 73 8.05 23.88 -7.42
CA ASP A 73 9.06 24.82 -7.90
C ASP A 73 10.24 24.89 -6.94
N GLU A 74 9.93 24.93 -5.65
CA GLU A 74 10.98 25.06 -4.63
C GLU A 74 11.74 23.76 -4.40
N ILE A 75 11.05 22.63 -4.44
CA ILE A 75 11.58 21.34 -4.04
C ILE A 75 12.25 20.56 -5.18
N CYS A 76 11.70 20.67 -6.37
CA CYS A 76 12.20 19.88 -7.51
C CYS A 76 13.33 20.56 -8.27
N THR A 77 14.16 19.74 -8.90
CA THR A 77 15.16 20.21 -9.84
C THR A 77 15.01 19.45 -11.15
N SER A 78 15.86 19.76 -12.11
CA SER A 78 15.83 19.07 -13.38
C SER A 78 16.09 17.57 -13.20
N GLU A 79 16.82 17.21 -12.15
CA GLU A 79 17.23 15.83 -11.92
C GLU A 79 16.17 15.00 -11.20
N THR A 80 15.17 15.70 -10.67
CA THR A 80 14.12 15.07 -9.87
C THR A 80 13.24 14.08 -10.63
N LEU A 81 12.94 12.96 -9.99
CA LEU A 81 11.85 12.09 -10.44
C LEU A 81 10.62 12.34 -9.57
N LEU A 82 9.58 12.91 -10.18
CA LEU A 82 8.37 13.26 -9.45
C LEU A 82 7.37 12.09 -9.43
N VAL A 83 7.11 11.55 -8.24
CA VAL A 83 6.19 10.44 -8.05
C VAL A 83 4.85 10.94 -7.54
N VAL A 84 3.77 10.57 -8.22
CA VAL A 84 2.44 11.01 -7.85
C VAL A 84 1.55 9.80 -7.68
N PRO A 85 1.36 9.35 -6.41
CA PRO A 85 0.50 8.17 -6.25
C PRO A 85 -0.95 8.52 -6.46
N THR A 86 -1.63 7.72 -7.26
CA THR A 86 -3.03 7.97 -7.62
C THR A 86 -3.65 6.66 -8.10
N PRO A 87 -4.94 6.46 -7.80
CA PRO A 87 -5.55 5.21 -8.28
C PRO A 87 -5.66 5.17 -9.79
N ALA A 88 -5.51 6.32 -10.45
CA ALA A 88 -5.57 6.39 -11.91
C ALA A 88 -4.19 6.21 -12.56
N GLY A 89 -3.21 5.74 -11.79
CA GLY A 89 -1.84 5.69 -12.25
C GLY A 89 -1.45 4.44 -13.03
N TYR A 90 -0.27 4.48 -13.65
CA TYR A 90 0.36 3.26 -14.16
C TYR A 90 0.65 2.35 -12.95
N PRO A 91 0.65 1.04 -13.15
CA PRO A 91 0.90 0.20 -11.96
C PRO A 91 2.31 0.33 -11.40
N PHE A 92 2.43 0.49 -10.09
CA PHE A 92 3.71 0.42 -9.41
C PHE A 92 4.08 -1.05 -9.16
N THR A 93 5.19 -1.51 -9.72
CA THR A 93 5.59 -2.90 -9.55
C THR A 93 7.00 -3.03 -8.99
N GLN A 94 7.43 -4.27 -8.76
CA GLN A 94 8.78 -4.53 -8.27
C GLN A 94 9.79 -3.99 -9.28
N GLU A 95 9.46 -4.08 -10.56
CA GLU A 95 10.35 -3.55 -11.60
C GLU A 95 10.52 -2.04 -11.41
N THR A 96 9.43 -1.38 -11.06
CA THR A 96 9.46 0.06 -10.80
C THR A 96 10.34 0.36 -9.60
N ALA A 97 10.13 -0.37 -8.51
CA ALA A 97 10.93 -0.18 -7.31
C ALA A 97 12.42 -0.29 -7.64
N TRP A 98 12.77 -1.29 -8.46
CA TRP A 98 14.17 -1.47 -8.83
C TRP A 98 14.69 -0.27 -9.59
N GLN A 99 13.91 0.22 -10.54
CA GLN A 99 14.34 1.38 -11.33
C GLN A 99 14.59 2.57 -10.43
N TRP A 100 13.63 2.84 -9.54
CA TRP A 100 13.68 4.04 -8.72
C TRP A 100 14.77 3.99 -7.64
N SER A 101 15.24 2.79 -7.30
CA SER A 101 16.20 2.63 -6.20
C SER A 101 17.60 3.20 -6.48
N THR A 102 17.87 3.53 -7.74
CA THR A 102 19.15 4.11 -8.13
C THR A 102 19.01 5.58 -8.49
N GLU A 103 17.84 6.17 -8.20
CA GLU A 103 17.63 7.60 -8.43
C GLU A 103 18.27 8.42 -7.33
N ASP A 104 18.80 9.59 -7.70
CA ASP A 104 19.33 10.54 -6.73
C ASP A 104 18.27 11.30 -5.94
N HIS A 105 17.15 11.61 -6.59
CA HIS A 105 16.19 12.49 -5.97
C HIS A 105 14.78 12.10 -6.32
N LEU A 106 14.05 11.63 -5.33
CA LEU A 106 12.65 11.31 -5.47
C LEU A 106 11.83 12.37 -4.76
N VAL A 107 10.79 12.86 -5.42
CA VAL A 107 9.83 13.73 -4.77
C VAL A 107 8.47 13.10 -4.92
N ILE A 108 7.86 12.77 -3.79
CA ILE A 108 6.54 12.17 -3.79
C ILE A 108 5.45 13.18 -3.38
N ALA A 109 4.54 13.46 -4.32
CA ALA A 109 3.46 14.40 -4.09
C ALA A 109 2.17 13.67 -3.68
N CYS A 110 1.83 13.76 -2.39
CA CYS A 110 0.66 13.08 -1.86
C CYS A 110 -0.56 13.95 -1.96
N GLY A 111 -1.58 13.48 -2.67
CA GLY A 111 -2.82 14.21 -2.80
C GLY A 111 -4.04 13.37 -2.52
N ARG A 112 -5.18 14.01 -2.31
CA ARG A 112 -6.44 13.29 -2.16
C ARG A 112 -6.80 12.56 -3.46
N TYR A 113 -7.55 11.47 -3.38
CA TYR A 113 -7.69 10.60 -4.55
C TYR A 113 -8.47 11.26 -5.69
N GLU A 114 -9.32 12.24 -5.38
CA GLU A 114 -10.02 13.00 -6.41
C GLU A 114 -9.02 13.70 -7.31
N GLY A 115 -7.84 13.99 -6.76
CA GLY A 115 -6.70 14.34 -7.57
C GLY A 115 -6.14 15.74 -7.37
N ILE A 116 -4.94 15.91 -7.92
CA ILE A 116 -4.32 17.23 -8.09
C ILE A 116 -4.67 17.75 -9.48
N ASP A 117 -5.02 19.03 -9.59
CA ASP A 117 -5.27 19.65 -10.90
C ASP A 117 -4.22 19.13 -11.91
N GLN A 118 -4.69 18.58 -13.03
CA GLN A 118 -3.79 17.88 -13.97
C GLN A 118 -2.68 18.79 -14.55
N ARG A 119 -2.92 20.10 -14.57
CA ARG A 119 -1.92 21.01 -15.12
C ARG A 119 -0.63 20.98 -14.30
N VAL A 120 -0.70 20.52 -13.06
CA VAL A 120 0.49 20.49 -12.21
C VAL A 120 1.47 19.48 -12.75
N ALA A 121 1.02 18.23 -12.91
CA ALA A 121 1.85 17.18 -13.47
C ALA A 121 2.25 17.49 -14.90
N ASP A 122 1.32 18.04 -15.67
CA ASP A 122 1.58 18.32 -17.09
C ASP A 122 2.68 19.38 -17.22
N ASP A 123 2.61 20.41 -16.39
CA ASP A 123 3.65 21.43 -16.37
C ASP A 123 4.99 20.87 -15.90
N ALA A 124 4.99 20.11 -14.81
CA ALA A 124 6.21 19.56 -14.26
C ALA A 124 6.92 18.68 -15.31
N ALA A 125 6.13 17.95 -16.09
CA ALA A 125 6.67 17.03 -17.07
C ALA A 125 7.42 17.70 -18.20
N THR A 126 7.30 19.03 -18.34
CA THR A 126 8.05 19.74 -19.36
C THR A 126 9.46 20.07 -18.89
N ARG A 127 9.76 19.76 -17.63
CA ARG A 127 11.05 20.11 -17.01
C ARG A 127 11.71 18.96 -16.28
N MET A 128 10.95 17.91 -16.00
CA MET A 128 11.46 16.81 -15.20
C MET A 128 10.67 15.57 -15.53
N ARG A 129 11.12 14.42 -15.04
CA ARG A 129 10.39 13.19 -15.26
C ARG A 129 9.28 13.02 -14.21
N VAL A 130 8.09 12.73 -14.68
CA VAL A 130 6.94 12.56 -13.81
C VAL A 130 6.36 11.15 -13.97
N ARG A 131 6.03 10.51 -12.86
CA ARG A 131 5.44 9.17 -12.90
C ARG A 131 4.22 9.14 -12.01
N GLU A 132 3.05 9.01 -12.63
CA GLU A 132 1.82 8.85 -11.88
C GLU A 132 1.57 7.34 -11.74
N VAL A 133 1.44 6.86 -10.51
CA VAL A 133 1.43 5.41 -10.27
C VAL A 133 0.42 5.01 -9.22
N SER A 134 -0.10 3.78 -9.37
CA SER A 134 -1.04 3.22 -8.41
CA SER A 134 -1.04 3.22 -8.41
C SER A 134 -0.41 1.98 -7.76
N ILE A 135 -0.54 1.85 -6.45
CA ILE A 135 0.01 0.66 -5.78
C ILE A 135 -0.96 -0.53 -5.74
N GLY A 136 -2.17 -0.36 -6.26
CA GLY A 136 -3.16 -1.41 -6.19
C GLY A 136 -4.53 -0.98 -6.68
N ASP A 137 -5.42 -1.95 -6.88
CA ASP A 137 -6.77 -1.66 -7.36
C ASP A 137 -7.76 -1.54 -6.23
N TYR A 138 -7.55 -0.52 -5.42
CA TYR A 138 -8.42 -0.19 -4.32
C TYR A 138 -8.27 1.31 -4.18
N VAL A 139 -9.24 1.95 -3.56
CA VAL A 139 -9.16 3.38 -3.40
C VAL A 139 -8.80 3.74 -1.96
N LEU A 140 -7.83 4.63 -1.81
CA LEU A 140 -7.49 5.24 -0.53
C LEU A 140 -7.94 6.70 -0.57
N ASN A 141 -8.21 7.28 0.59
CA ASN A 141 -8.59 8.70 0.65
C ASN A 141 -7.54 9.63 0.09
N GLY A 142 -6.27 9.29 0.29
CA GLY A 142 -5.18 10.11 -0.23
C GLY A 142 -3.94 9.27 -0.51
N GLY A 143 -2.91 9.89 -1.07
CA GLY A 143 -1.71 9.17 -1.46
C GLY A 143 -0.72 8.82 -0.34
N GLU A 144 -0.98 9.26 0.89
CA GLU A 144 -0.02 9.06 1.99
C GLU A 144 0.38 7.59 2.25
N ALA A 145 -0.60 6.71 2.44
CA ALA A 145 -0.25 5.30 2.67
C ALA A 145 0.49 4.72 1.46
N ALA A 146 0.10 5.13 0.26
CA ALA A 146 0.77 4.64 -0.93
C ALA A 146 2.24 5.09 -0.95
N ALA A 147 2.49 6.31 -0.48
CA ALA A 147 3.83 6.82 -0.33
C ALA A 147 4.67 5.99 0.62
N LEU A 148 4.10 5.55 1.74
CA LEU A 148 4.83 4.68 2.66
C LEU A 148 5.23 3.36 1.99
N VAL A 149 4.31 2.81 1.21
CA VAL A 149 4.56 1.56 0.52
C VAL A 149 5.67 1.74 -0.53
N ILE A 150 5.59 2.81 -1.30
CA ILE A 150 6.61 3.08 -2.31
C ILE A 150 7.98 3.29 -1.67
N ILE A 151 8.01 4.07 -0.59
CA ILE A 151 9.27 4.36 0.09
C ILE A 151 9.89 3.06 0.62
N GLU A 152 9.07 2.19 1.20
CA GLU A 152 9.62 0.95 1.73
C GLU A 152 10.06 -0.01 0.62
N ALA A 153 9.28 -0.14 -0.45
CA ALA A 153 9.66 -1.04 -1.55
C ALA A 153 10.94 -0.55 -2.23
N VAL A 154 11.10 0.76 -2.34
CA VAL A 154 12.28 1.28 -3.01
C VAL A 154 13.52 1.21 -2.11
N LEU A 155 13.41 1.68 -0.87
CA LEU A 155 14.60 1.79 -0.01
C LEU A 155 15.21 0.46 0.41
N ARG A 156 14.40 -0.60 0.44
CA ARG A 156 14.94 -1.89 0.84
C ARG A 156 15.81 -2.46 -0.27
N LEU A 157 15.72 -1.86 -1.46
CA LEU A 157 16.57 -2.25 -2.60
C LEU A 157 17.85 -1.42 -2.67
N VAL A 158 17.99 -0.46 -1.76
CA VAL A 158 19.21 0.33 -1.70
C VAL A 158 20.18 -0.28 -0.69
N PRO A 159 21.40 -0.58 -1.15
CA PRO A 159 22.53 -1.16 -0.41
C PRO A 159 22.64 -0.70 1.05
N GLY A 160 22.40 -1.62 2.00
CA GLY A 160 22.37 -1.26 3.41
C GLY A 160 20.94 -1.10 3.92
N SER A 179 6.13 -14.32 -12.03
CA SER A 179 6.88 -15.45 -11.49
C SER A 179 5.95 -16.49 -10.91
N LEU A 180 6.40 -17.08 -9.80
CA LEU A 180 5.57 -17.95 -8.99
C LEU A 180 5.62 -17.40 -7.58
N LEU A 181 4.59 -17.70 -6.79
CA LEU A 181 4.58 -17.32 -5.40
C LEU A 181 5.52 -18.18 -4.57
N GLU A 182 6.02 -17.63 -3.47
CA GLU A 182 6.76 -18.42 -2.49
C GLU A 182 5.80 -19.32 -1.74
N GLY A 183 6.22 -20.56 -1.49
CA GLY A 183 5.39 -21.50 -0.75
C GLY A 183 5.53 -21.32 0.75
N PRO A 184 4.92 -22.23 1.54
CA PRO A 184 4.96 -22.10 3.00
C PRO A 184 6.36 -22.28 3.58
N SER A 185 6.62 -21.58 4.66
CA SER A 185 7.89 -21.69 5.39
CA SER A 185 7.89 -21.73 5.37
C SER A 185 7.64 -22.27 6.78
N TYR A 186 8.67 -22.81 7.40
CA TYR A 186 8.53 -23.45 8.70
C TYR A 186 9.78 -23.28 9.53
N THR A 187 9.63 -23.29 10.84
CA THR A 187 10.80 -23.26 11.71
C THR A 187 10.48 -24.05 12.98
N ARG A 188 11.40 -24.05 13.95
CA ARG A 188 11.20 -24.80 15.18
C ARG A 188 9.94 -24.37 15.95
N PRO A 189 9.27 -25.32 16.64
CA PRO A 189 9.66 -26.73 16.79
C PRO A 189 9.12 -27.63 15.67
N PRO A 190 9.62 -28.88 15.58
CA PRO A 190 9.22 -29.72 14.43
C PRO A 190 7.77 -30.16 14.53
N SER A 191 7.21 -30.10 15.73
CA SER A 191 5.83 -30.45 15.96
C SER A 191 5.20 -29.38 16.83
N TRP A 192 4.06 -28.85 16.39
CA TRP A 192 3.40 -27.75 17.10
C TRP A 192 1.87 -27.84 16.91
N ARG A 193 1.14 -27.96 18.03
CA ARG A 193 -0.32 -28.10 18.01
C ARG A 193 -0.82 -29.14 17.01
N GLY A 194 -0.14 -30.28 16.95
CA GLY A 194 -0.59 -31.40 16.15
C GLY A 194 -0.15 -31.36 14.70
N MET A 195 0.65 -30.36 14.35
CA MET A 195 1.12 -30.18 12.98
C MET A 195 2.64 -30.34 12.87
N ASP A 196 3.08 -31.25 12.00
CA ASP A 196 4.50 -31.51 11.79
C ASP A 196 5.06 -30.75 10.60
N VAL A 197 6.30 -30.30 10.71
CA VAL A 197 6.98 -29.73 9.56
C VAL A 197 7.10 -30.84 8.53
N PRO A 198 6.81 -30.54 7.25
CA PRO A 198 6.96 -31.54 6.19
C PRO A 198 8.32 -32.24 6.27
N PRO A 199 8.30 -33.58 6.44
CA PRO A 199 9.52 -34.33 6.70
C PRO A 199 10.61 -34.07 5.68
N VAL A 200 10.25 -33.75 4.44
CA VAL A 200 11.26 -33.59 3.39
C VAL A 200 12.25 -32.47 3.75
N LEU A 201 11.75 -31.44 4.42
CA LEU A 201 12.60 -30.30 4.79
C LEU A 201 13.71 -30.69 5.77
N LEU A 202 13.51 -31.81 6.47
CA LEU A 202 14.52 -32.32 7.40
C LEU A 202 15.35 -33.44 6.79
N SER A 203 15.24 -33.66 5.48
CA SER A 203 15.80 -34.87 4.88
C SER A 203 17.27 -34.79 4.51
N GLY A 204 17.82 -33.58 4.44
CA GLY A 204 19.20 -33.44 3.99
C GLY A 204 19.39 -33.78 2.51
N ASP A 205 18.29 -33.87 1.77
CA ASP A 205 18.33 -34.06 0.31
C ASP A 205 17.96 -32.75 -0.33
N HIS A 206 18.95 -31.94 -0.69
CA HIS A 206 18.62 -30.57 -1.02
C HIS A 206 18.08 -30.40 -2.43
N ALA A 207 18.37 -31.34 -3.32
CA ALA A 207 17.77 -31.34 -4.65
C ALA A 207 16.28 -31.65 -4.55
N LYS A 208 15.96 -32.62 -3.70
CA LYS A 208 14.55 -32.96 -3.46
C LYS A 208 13.78 -31.85 -2.77
N ILE A 209 14.42 -31.18 -1.81
CA ILE A 209 13.77 -30.05 -1.15
C ILE A 209 13.42 -28.96 -2.15
N ALA A 210 14.35 -28.65 -3.06
CA ALA A 210 14.09 -27.65 -4.09
C ALA A 210 12.89 -28.05 -4.95
N ALA A 211 12.85 -29.31 -5.36
CA ALA A 211 11.77 -29.79 -6.19
C ALA A 211 10.45 -29.73 -5.43
N TRP A 212 10.47 -30.11 -4.15
CA TRP A 212 9.26 -30.03 -3.32
C TRP A 212 8.78 -28.58 -3.21
N ARG A 213 9.73 -27.67 -3.00
CA ARG A 213 9.36 -26.26 -2.85
C ARG A 213 8.79 -25.72 -4.15
N ALA A 214 9.34 -26.17 -5.26
CA ALA A 214 8.87 -25.77 -6.59
C ALA A 214 7.42 -26.19 -6.79
N GLU A 215 7.09 -27.42 -6.38
CA GLU A 215 5.73 -27.90 -6.54
C GLU A 215 4.76 -27.15 -5.61
N GLN A 216 5.20 -26.86 -4.38
CA GLN A 216 4.38 -26.08 -3.45
C GLN A 216 4.09 -24.68 -4.02
N SER A 217 5.10 -24.11 -4.66
CA SER A 217 4.97 -22.82 -5.32
CA SER A 217 4.93 -22.81 -5.30
C SER A 217 3.94 -22.89 -6.46
N ARG A 218 4.02 -23.94 -7.26
CA ARG A 218 3.10 -24.14 -8.38
C ARG A 218 1.66 -24.21 -7.86
N GLN A 219 1.44 -25.09 -6.88
CA GLN A 219 0.10 -25.26 -6.33
C GLN A 219 -0.44 -23.96 -5.74
N ARG A 220 0.40 -23.24 -5.01
CA ARG A 220 -0.08 -22.02 -4.34
C ARG A 220 -0.39 -20.97 -5.38
N THR A 221 0.43 -20.89 -6.41
CA THR A 221 0.22 -19.88 -7.44
C THR A 221 -1.07 -20.18 -8.21
N ILE A 222 -1.32 -21.46 -8.52
CA ILE A 222 -2.57 -21.86 -9.16
C ILE A 222 -3.78 -21.43 -8.34
N GLU A 223 -3.70 -21.70 -7.03
CA GLU A 223 -4.80 -21.44 -6.12
C GLU A 223 -5.06 -19.96 -5.88
N ARG A 224 -3.99 -19.20 -5.65
CA ARG A 224 -4.14 -17.80 -5.20
C ARG A 224 -3.97 -16.75 -6.28
N ARG A 225 -3.14 -17.03 -7.27
CA ARG A 225 -2.81 -16.04 -8.29
C ARG A 225 -2.72 -16.68 -9.68
N PRO A 226 -3.84 -17.25 -10.18
CA PRO A 226 -3.76 -17.90 -11.49
C PRO A 226 -3.37 -16.92 -12.61
N ASP A 227 -3.51 -15.62 -12.39
CA ASP A 227 -3.10 -14.64 -13.39
C ASP A 227 -1.60 -14.74 -13.69
N LEU A 228 -0.82 -15.21 -12.73
CA LEU A 228 0.63 -15.29 -12.91
C LEU A 228 1.09 -16.44 -13.82
N LEU A 229 0.18 -17.36 -14.13
CA LEU A 229 0.58 -18.54 -14.91
C LEU A 229 0.24 -18.43 -16.39
N GLY A 230 -0.54 -17.43 -16.75
CA GLY A 230 -0.91 -17.21 -18.14
C GLY A 230 -2.14 -17.98 -18.57
N SER B 2 -20.07 0.02 14.87
CA SER B 2 -18.71 -0.01 15.40
C SER B 2 -17.90 -1.21 14.90
N MET B 3 -16.60 -1.01 14.78
CA MET B 3 -15.68 -2.05 14.32
C MET B 3 -14.48 -2.06 15.24
N LYS B 4 -13.88 -3.23 15.46
CA LYS B 4 -12.64 -3.31 16.22
C LYS B 4 -11.53 -3.83 15.33
N ILE B 5 -10.40 -3.13 15.29
CA ILE B 5 -9.23 -3.60 14.57
C ILE B 5 -8.07 -3.75 15.54
N ASP B 6 -7.55 -4.98 15.67
CA ASP B 6 -6.30 -5.21 16.38
C ASP B 6 -5.18 -5.46 15.37
N VAL B 7 -4.04 -4.83 15.56
CA VAL B 7 -2.86 -5.04 14.73
C VAL B 7 -1.74 -5.62 15.59
N VAL B 8 -1.10 -6.69 15.14
CA VAL B 8 -0.02 -7.32 15.93
C VAL B 8 1.25 -7.22 15.12
N THR B 9 2.32 -6.72 15.74
CA THR B 9 3.54 -6.34 15.02
C THR B 9 4.74 -6.25 15.98
N ILE B 10 5.96 -6.40 15.48
CA ILE B 10 7.11 -6.12 16.34
C ILE B 10 7.56 -4.67 16.20
N PHE B 11 6.84 -3.88 15.40
CA PHE B 11 7.11 -2.45 15.28
C PHE B 11 5.85 -1.63 15.61
N PRO B 12 5.44 -1.63 16.88
CA PRO B 12 4.19 -0.95 17.22
C PRO B 12 4.18 0.55 16.95
N GLU B 13 5.30 1.22 17.17
CA GLU B 13 5.33 2.66 16.98
C GLU B 13 5.08 3.02 15.53
N TYR B 14 5.49 2.14 14.61
CA TYR B 14 5.33 2.39 13.18
C TYR B 14 3.85 2.48 12.79
N LEU B 15 2.98 1.89 13.59
CA LEU B 15 1.56 2.04 13.27
C LEU B 15 0.97 3.27 13.97
N GLN B 16 1.82 4.28 14.15
CA GLN B 16 1.41 5.63 14.55
C GLN B 16 0.72 6.44 13.44
N PRO B 17 1.15 6.33 12.16
CA PRO B 17 0.43 7.00 11.08
C PRO B 17 -1.09 6.78 11.02
N VAL B 18 -1.58 5.75 11.72
CA VAL B 18 -3.01 5.54 11.89
C VAL B 18 -3.69 6.71 12.61
N ARG B 19 -2.97 7.31 13.55
CA ARG B 19 -3.44 8.36 14.41
C ARG B 19 -4.22 9.61 13.96
N GLN B 20 -4.67 10.36 14.97
CA GLN B 20 -5.54 11.54 14.90
C GLN B 20 -5.74 12.26 13.59
N SER B 21 -4.71 12.91 13.10
CA SER B 21 -4.86 13.57 11.80
C SER B 21 -4.64 12.55 10.67
N LEU B 22 -5.68 11.76 10.43
CA LEU B 22 -5.72 10.75 9.39
C LEU B 22 -7.19 10.39 9.18
N PRO B 23 -7.53 9.77 8.02
CA PRO B 23 -8.89 9.20 7.95
C PRO B 23 -9.12 8.22 9.06
N GLY B 24 -8.17 7.30 9.28
CA GLY B 24 -8.22 6.39 10.41
C GLY B 24 -8.45 7.15 11.72
N ALA B 26 -11.62 8.83 12.24
CA ALA B 26 -12.62 7.76 12.34
C ALA B 26 -12.66 7.17 13.74
N ILE B 27 -11.49 7.04 14.35
CA ILE B 27 -11.42 6.59 15.74
C ILE B 27 -12.04 7.66 16.61
N ASP B 28 -11.80 8.92 16.24
CA ASP B 28 -12.27 10.05 17.03
C ASP B 28 -13.81 10.14 16.99
N ALA B 29 -14.39 9.79 15.85
CA ALA B 29 -15.83 9.77 15.71
C ALA B 29 -16.43 8.50 16.32
N GLY B 30 -15.56 7.65 16.88
CA GLY B 30 -15.99 6.45 17.57
C GLY B 30 -16.58 5.36 16.69
N LEU B 31 -16.25 5.37 15.40
CA LEU B 31 -16.81 4.37 14.50
C LEU B 31 -15.93 3.12 14.45
N VAL B 32 -14.67 3.28 14.85
CA VAL B 32 -13.76 2.15 14.93
C VAL B 32 -12.83 2.35 16.12
N ASP B 33 -12.35 1.26 16.70
CA ASP B 33 -11.29 1.33 17.69
C ASP B 33 -10.12 0.50 17.19
N VAL B 34 -8.95 1.13 17.07
CA VAL B 34 -7.75 0.45 16.58
C VAL B 34 -6.73 0.28 17.71
N ALA B 35 -6.34 -0.96 17.95
CA ALA B 35 -5.40 -1.24 19.04
C ALA B 35 -4.18 -1.96 18.48
N VAL B 36 -2.99 -1.47 18.85
CA VAL B 36 -1.75 -2.02 18.32
C VAL B 36 -1.03 -2.78 19.45
N HIS B 37 -0.59 -3.99 19.14
CA HIS B 37 0.05 -4.86 20.14
C HIS B 37 1.44 -5.25 19.72
N ASP B 38 2.37 -5.10 20.64
CA ASP B 38 3.73 -5.56 20.42
C ASP B 38 3.75 -7.08 20.55
N LEU B 39 4.07 -7.77 19.45
CA LEU B 39 4.16 -9.24 19.45
C LEU B 39 5.08 -9.77 20.57
N ARG B 40 6.12 -9.00 20.90
CA ARG B 40 7.10 -9.43 21.90
C ARG B 40 6.49 -9.60 23.31
N ARG B 41 5.31 -9.03 23.52
CA ARG B 41 4.55 -9.21 24.76
C ARG B 41 4.28 -10.69 25.05
N TRP B 42 4.27 -11.53 24.02
CA TRP B 42 3.99 -12.94 24.23
C TRP B 42 5.23 -13.83 24.22
N THR B 43 6.40 -13.23 24.39
CA THR B 43 7.63 -14.02 24.54
C THR B 43 7.88 -14.28 26.03
N HIS B 44 8.71 -15.28 26.32
CA HIS B 44 9.02 -15.61 27.71
C HIS B 44 10.52 -15.66 27.98
N ASP B 45 11.31 -15.80 26.92
CA ASP B 45 12.76 -15.82 27.06
C ASP B 45 13.30 -14.40 27.29
N VAL B 46 14.56 -14.31 27.69
CA VAL B 46 15.17 -13.03 28.05
C VAL B 46 15.32 -12.07 26.87
N HIS B 47 15.65 -12.61 25.71
CA HIS B 47 15.95 -11.77 24.55
C HIS B 47 14.74 -11.57 23.63
N LYS B 48 13.57 -12.00 24.09
CA LYS B 48 12.30 -11.77 23.39
C LYS B 48 12.34 -12.20 21.92
N SER B 49 12.79 -13.43 21.67
CA SER B 49 13.02 -13.90 20.30
C SER B 49 11.73 -14.28 19.58
N VAL B 50 11.56 -13.77 18.37
CA VAL B 50 10.33 -14.06 17.62
C VAL B 50 10.57 -14.79 16.30
N ASP B 51 11.83 -15.01 15.94
CA ASP B 51 12.17 -15.65 14.66
C ASP B 51 13.23 -16.73 14.82
N ASP B 52 13.40 -17.54 13.80
CA ASP B 52 14.38 -18.63 13.83
C ASP B 52 14.69 -19.00 12.39
N SER B 53 15.79 -19.71 12.15
CA SER B 53 16.17 -20.03 10.78
C SER B 53 15.19 -21.06 10.18
N PRO B 54 14.94 -20.99 8.87
CA PRO B 54 13.96 -21.89 8.23
C PRO B 54 14.40 -23.35 8.16
N TYR B 55 13.45 -24.25 8.40
CA TYR B 55 13.68 -25.65 8.09
C TYR B 55 13.90 -25.80 6.59
N GLY B 56 14.84 -26.66 6.20
CA GLY B 56 15.02 -26.91 4.79
C GLY B 56 15.97 -25.94 4.10
N GLY B 57 16.39 -24.91 4.83
CA GLY B 57 17.38 -23.98 4.31
C GLY B 57 16.75 -22.76 3.66
N GLY B 58 17.60 -21.83 3.25
CA GLY B 58 17.14 -20.66 2.55
C GLY B 58 17.54 -19.42 3.33
N PRO B 59 17.37 -18.24 2.70
CA PRO B 59 17.77 -16.97 3.30
C PRO B 59 16.79 -16.51 4.38
N GLY B 60 17.30 -15.73 5.33
CA GLY B 60 16.41 -15.00 6.21
C GLY B 60 15.93 -15.84 7.37
N MET B 61 14.93 -15.33 8.07
CA MET B 61 14.40 -16.03 9.23
C MET B 61 12.91 -16.19 9.02
N VAL B 62 12.32 -17.08 9.80
CA VAL B 62 10.90 -17.32 9.78
C VAL B 62 10.37 -17.03 11.17
N MET B 63 9.21 -16.38 11.29
CA MET B 63 8.71 -16.08 12.63
C MET B 63 8.20 -17.35 13.30
N LYS B 64 8.50 -17.51 14.59
CA LYS B 64 8.15 -18.71 15.36
C LYS B 64 6.66 -18.86 15.51
N PRO B 65 6.15 -20.11 15.39
CA PRO B 65 4.72 -20.33 15.60
C PRO B 65 4.30 -20.14 17.06
N THR B 66 5.13 -20.57 18.00
CA THR B 66 4.76 -20.55 19.42
C THR B 66 4.32 -19.16 19.91
N VAL B 67 5.09 -18.14 19.56
CA VAL B 67 4.78 -16.78 20.00
C VAL B 67 3.50 -16.26 19.33
N TRP B 68 3.38 -16.44 18.02
CA TRP B 68 2.18 -16.03 17.30
C TRP B 68 0.95 -16.77 17.82
N GLY B 69 1.10 -18.05 18.12
CA GLY B 69 0.02 -18.82 18.69
C GLY B 69 -0.54 -18.21 19.96
N ASP B 70 0.33 -17.89 20.92
CA ASP B 70 -0.13 -17.30 22.18
C ASP B 70 -0.80 -15.95 21.94
N ALA B 71 -0.21 -15.12 21.07
CA ALA B 71 -0.80 -13.82 20.76
C ALA B 71 -2.23 -13.95 20.22
N LEU B 72 -2.41 -14.80 19.21
CA LEU B 72 -3.71 -14.95 18.55
C LEU B 72 -4.76 -15.63 19.46
N ASP B 73 -4.29 -16.54 20.31
CA ASP B 73 -5.16 -17.10 21.35
C ASP B 73 -5.78 -16.02 22.22
N GLU B 74 -4.99 -14.99 22.52
CA GLU B 74 -5.44 -13.96 23.46
C GLU B 74 -6.31 -12.92 22.77
N ILE B 75 -6.06 -12.68 21.49
CA ILE B 75 -6.70 -11.58 20.80
C ILE B 75 -7.91 -12.02 19.96
N CYS B 76 -7.83 -13.18 19.32
CA CYS B 76 -8.90 -13.60 18.40
C CYS B 76 -10.04 -14.35 19.06
N THR B 77 -11.23 -14.26 18.47
CA THR B 77 -12.34 -15.16 18.78
C THR B 77 -12.74 -15.90 17.51
N SER B 78 -13.76 -16.74 17.59
CA SER B 78 -14.21 -17.45 16.40
C SER B 78 -14.90 -16.51 15.38
N GLU B 79 -15.27 -15.29 15.81
CA GLU B 79 -15.92 -14.33 14.92
C GLU B 79 -14.91 -13.45 14.22
N THR B 80 -13.66 -13.50 14.69
CA THR B 80 -12.58 -12.71 14.12
C THR B 80 -12.28 -13.05 12.66
N LEU B 81 -12.03 -12.01 11.87
CA LEU B 81 -11.46 -12.20 10.56
C LEU B 81 -9.98 -11.92 10.67
N LEU B 82 -9.17 -12.96 10.55
CA LEU B 82 -7.71 -12.84 10.64
C LEU B 82 -7.13 -12.49 9.30
N VAL B 83 -6.47 -11.33 9.22
CA VAL B 83 -5.85 -10.81 8.00
C VAL B 83 -4.34 -10.94 8.09
N VAL B 84 -3.73 -11.67 7.16
CA VAL B 84 -2.28 -11.83 7.15
C VAL B 84 -1.70 -11.26 5.86
N PRO B 85 -1.18 -10.03 5.91
CA PRO B 85 -0.57 -9.47 4.71
C PRO B 85 0.70 -10.25 4.32
N THR B 86 0.96 -10.61 3.14
CA THR B 86 1.99 -11.45 2.50
C THR B 86 1.90 -11.32 0.98
N PRO B 87 3.18 -11.26 0.44
CA PRO B 87 3.29 -11.19 -1.02
C PRO B 87 2.75 -12.46 -1.69
N ALA B 88 2.60 -13.54 -0.93
CA ALA B 88 2.05 -14.77 -1.48
C ALA B 88 0.55 -14.89 -1.24
N GLY B 89 -0.12 -13.78 -0.91
CA GLY B 89 -1.53 -13.87 -0.54
C GLY B 89 -2.48 -13.80 -1.74
N TYR B 90 -3.76 -14.08 -1.51
CA TYR B 90 -4.81 -13.72 -2.47
C TYR B 90 -4.80 -12.20 -2.67
N PRO B 91 -5.15 -11.71 -3.88
CA PRO B 91 -5.17 -10.25 -4.05
C PRO B 91 -6.17 -9.52 -3.14
N PHE B 92 -5.72 -8.44 -2.49
CA PHE B 92 -6.60 -7.52 -1.79
C PHE B 92 -7.15 -6.53 -2.79
N THR B 93 -8.46 -6.53 -3.00
CA THR B 93 -9.04 -5.64 -4.01
C THR B 93 -10.10 -4.73 -3.41
N GLN B 94 -10.70 -3.87 -4.26
CA GLN B 94 -11.77 -2.98 -3.82
C GLN B 94 -12.95 -3.80 -3.29
N GLU B 95 -13.22 -4.93 -3.93
CA GLU B 95 -14.30 -5.81 -3.47
C GLU B 95 -13.96 -6.32 -2.07
N THR B 96 -12.69 -6.69 -1.85
CA THR B 96 -12.27 -7.15 -0.52
C THR B 96 -12.52 -6.04 0.51
N ALA B 97 -12.20 -4.82 0.12
CA ALA B 97 -12.37 -3.67 1.02
C ALA B 97 -13.84 -3.50 1.43
N TRP B 98 -14.74 -3.56 0.45
CA TRP B 98 -16.16 -3.49 0.72
C TRP B 98 -16.59 -4.62 1.62
N GLN B 99 -16.06 -5.81 1.38
CA GLN B 99 -16.50 -6.95 2.17
C GLN B 99 -16.09 -6.77 3.63
N TRP B 100 -14.83 -6.38 3.86
CA TRP B 100 -14.33 -6.29 5.22
C TRP B 100 -14.89 -5.07 5.95
N SER B 101 -15.48 -4.14 5.20
CA SER B 101 -16.01 -2.92 5.81
C SER B 101 -17.23 -3.24 6.68
N THR B 102 -17.79 -4.43 6.52
CA THR B 102 -18.96 -4.81 7.31
C THR B 102 -18.62 -5.75 8.47
N GLU B 103 -17.34 -6.04 8.65
CA GLU B 103 -16.88 -6.97 9.69
C GLU B 103 -16.86 -6.33 11.08
N ASP B 104 -17.16 -7.14 12.11
CA ASP B 104 -17.10 -6.69 13.49
C ASP B 104 -15.68 -6.58 14.04
N HIS B 105 -14.80 -7.49 13.64
CA HIS B 105 -13.48 -7.60 14.27
C HIS B 105 -12.43 -8.08 13.28
N LEU B 106 -11.54 -7.16 12.90
CA LEU B 106 -10.39 -7.52 12.08
C LEU B 106 -9.17 -7.66 12.98
N VAL B 107 -8.40 -8.73 12.81
CA VAL B 107 -7.08 -8.81 13.43
C VAL B 107 -6.02 -8.90 12.34
N ILE B 108 -5.05 -7.99 12.35
CA ILE B 108 -4.03 -7.97 11.29
C ILE B 108 -2.66 -8.41 11.82
N ALA B 109 -2.19 -9.56 11.33
CA ALA B 109 -0.93 -10.11 11.79
C ALA B 109 0.19 -9.67 10.85
N CYS B 110 1.01 -8.78 11.34
CA CYS B 110 2.11 -8.28 10.58
C CYS B 110 3.36 -9.12 10.77
N GLY B 111 3.88 -9.67 9.70
CA GLY B 111 5.06 -10.51 9.74
C GLY B 111 6.27 -9.94 9.03
N ARG B 112 7.43 -10.40 9.42
CA ARG B 112 8.69 -9.91 8.88
C ARG B 112 9.61 -11.04 8.49
N TYR B 113 10.74 -10.66 7.91
CA TYR B 113 11.77 -11.57 7.40
C TYR B 113 11.21 -12.23 6.21
N GLU B 114 11.15 -13.54 6.26
CA GLU B 114 10.55 -14.28 5.17
C GLU B 114 9.17 -14.87 5.41
N GLY B 115 8.45 -14.38 6.40
CA GLY B 115 7.13 -14.90 6.66
C GLY B 115 6.89 -15.55 8.01
N ILE B 116 5.64 -15.87 8.30
CA ILE B 116 5.29 -16.55 9.54
C ILE B 116 5.16 -18.03 9.25
N ASP B 117 5.67 -18.87 10.16
CA ASP B 117 5.51 -20.33 10.07
C ASP B 117 4.07 -20.65 9.64
N GLN B 118 3.91 -21.43 8.56
CA GLN B 118 2.60 -21.66 7.96
C GLN B 118 1.58 -22.26 8.92
N ARG B 119 2.07 -22.96 9.94
CA ARG B 119 1.19 -23.62 10.88
C ARG B 119 0.36 -22.61 11.68
N VAL B 120 0.83 -21.37 11.78
CA VAL B 120 0.08 -20.36 12.52
C VAL B 120 -1.24 -20.11 11.83
N ALA B 121 -1.18 -19.85 10.52
CA ALA B 121 -2.41 -19.60 9.76
C ALA B 121 -3.27 -20.87 9.68
N ASP B 122 -2.62 -22.02 9.53
CA ASP B 122 -3.35 -23.30 9.47
C ASP B 122 -4.14 -23.56 10.75
N ASP B 123 -3.45 -23.44 11.89
CA ASP B 123 -4.09 -23.55 13.20
C ASP B 123 -5.25 -22.58 13.38
N ALA B 124 -5.03 -21.31 13.06
CA ALA B 124 -6.07 -20.30 13.30
C ALA B 124 -7.33 -20.63 12.50
N ALA B 125 -7.12 -21.17 11.30
CA ALA B 125 -8.23 -21.47 10.41
C ALA B 125 -9.13 -22.57 10.95
N THR B 126 -8.66 -23.34 11.92
CA THR B 126 -9.54 -24.34 12.52
C THR B 126 -10.58 -23.70 13.43
N ARG B 127 -10.42 -22.42 13.77
CA ARG B 127 -11.43 -21.81 14.64
C ARG B 127 -11.95 -20.44 14.19
N MET B 128 -11.30 -19.81 13.22
CA MET B 128 -11.78 -18.53 12.71
C MET B 128 -11.55 -18.46 11.20
N ARG B 129 -12.09 -17.43 10.55
CA ARG B 129 -11.83 -17.22 9.13
C ARG B 129 -10.47 -16.55 8.97
N VAL B 130 -9.65 -17.05 8.04
CA VAL B 130 -8.31 -16.49 7.81
C VAL B 130 -8.17 -16.06 6.37
N ARG B 131 -7.58 -14.88 6.14
CA ARG B 131 -7.37 -14.37 4.80
C ARG B 131 -5.93 -13.90 4.64
N GLU B 132 -5.13 -14.67 3.93
CA GLU B 132 -3.80 -14.20 3.56
C GLU B 132 -3.88 -13.39 2.27
N VAL B 133 -3.47 -12.13 2.33
CA VAL B 133 -3.65 -11.26 1.17
C VAL B 133 -2.43 -10.46 0.80
N SER B 134 -2.34 -10.13 -0.49
CA SER B 134 -1.29 -9.26 -1.02
C SER B 134 -1.90 -7.94 -1.50
N ILE B 135 -1.34 -6.80 -1.10
CA ILE B 135 -1.87 -5.53 -1.58
C ILE B 135 -1.26 -5.16 -2.95
N GLY B 136 -0.29 -5.93 -3.42
CA GLY B 136 0.34 -5.58 -4.68
C GLY B 136 1.56 -6.41 -5.02
N ASP B 137 2.02 -6.30 -6.27
CA ASP B 137 3.14 -7.12 -6.73
C ASP B 137 4.46 -6.37 -6.59
N TYR B 138 4.81 -6.14 -5.34
CA TYR B 138 6.09 -5.55 -4.97
C TYR B 138 6.42 -6.16 -3.61
N VAL B 139 7.68 -6.07 -3.22
CA VAL B 139 8.10 -6.69 -1.98
C VAL B 139 8.37 -5.63 -0.93
N LEU B 140 7.75 -5.80 0.23
CA LEU B 140 8.01 -4.98 1.40
C LEU B 140 8.80 -5.79 2.44
N ASN B 141 9.53 -5.11 3.31
CA ASN B 141 10.27 -5.78 4.38
C ASN B 141 9.33 -6.56 5.30
N GLY B 142 8.12 -6.05 5.50
CA GLY B 142 7.19 -6.67 6.42
C GLY B 142 5.76 -6.21 6.16
N GLY B 143 4.81 -6.76 6.90
CA GLY B 143 3.40 -6.50 6.63
C GLY B 143 2.87 -5.17 7.14
N GLU B 144 3.70 -4.39 7.83
CA GLU B 144 3.24 -3.19 8.52
C GLU B 144 2.64 -2.13 7.56
N ALA B 145 3.35 -1.78 6.50
CA ALA B 145 2.83 -0.77 5.58
C ALA B 145 1.58 -1.29 4.88
N ALA B 146 1.54 -2.59 4.62
CA ALA B 146 0.36 -3.18 4.00
C ALA B 146 -0.84 -3.08 4.94
N ALA B 147 -0.58 -3.26 6.24
CA ALA B 147 -1.65 -3.07 7.24
C ALA B 147 -2.26 -1.66 7.21
N LEU B 148 -1.42 -0.64 7.01
CA LEU B 148 -1.90 0.74 6.95
C LEU B 148 -2.77 0.96 5.72
N VAL B 149 -2.36 0.38 4.60
CA VAL B 149 -3.12 0.46 3.36
C VAL B 149 -4.49 -0.20 3.52
N ILE B 150 -4.48 -1.41 4.06
CA ILE B 150 -5.73 -2.14 4.25
C ILE B 150 -6.69 -1.37 5.17
N ILE B 151 -6.16 -0.82 6.26
CA ILE B 151 -7.00 -0.07 7.18
C ILE B 151 -7.60 1.18 6.51
N GLU B 152 -6.79 1.87 5.72
CA GLU B 152 -7.24 3.07 5.01
C GLU B 152 -8.35 2.72 3.99
N ALA B 153 -8.18 1.60 3.28
CA ALA B 153 -9.12 1.21 2.22
C ALA B 153 -10.45 0.74 2.77
N VAL B 154 -10.38 0.10 3.93
CA VAL B 154 -11.58 -0.46 4.55
C VAL B 154 -12.36 0.61 5.30
N LEU B 155 -11.67 1.39 6.11
CA LEU B 155 -12.34 2.34 6.97
C LEU B 155 -13.08 3.43 6.21
N ARG B 156 -12.61 3.79 5.01
CA ARG B 156 -13.32 4.86 4.29
C ARG B 156 -14.66 4.34 3.73
N LEU B 157 -14.88 3.03 3.81
CA LEU B 157 -16.14 2.47 3.33
C LEU B 157 -17.16 2.22 4.44
N VAL B 158 -16.72 2.32 5.69
CA VAL B 158 -17.60 1.98 6.82
C VAL B 158 -18.77 2.95 6.93
N PRO B 159 -19.99 2.41 7.12
CA PRO B 159 -21.16 3.28 7.25
C PRO B 159 -20.95 4.33 8.33
N GLY B 160 -21.13 5.60 7.98
CA GLY B 160 -20.92 6.68 8.93
C GLY B 160 -19.68 7.46 8.58
N VAL B 161 -18.88 6.89 7.68
CA VAL B 161 -17.72 7.57 7.15
C VAL B 161 -18.01 8.16 5.77
N SER B 179 -13.17 -1.23 -12.50
CA SER B 179 -14.02 -0.73 -13.57
C SER B 179 -13.23 0.13 -14.58
N LEU B 180 -13.13 1.43 -14.32
CA LEU B 180 -12.44 2.36 -15.22
C LEU B 180 -11.61 3.38 -14.46
N LEU B 181 -10.60 3.98 -15.11
CA LEU B 181 -9.79 5.00 -14.43
C LEU B 181 -10.45 6.36 -14.48
N GLU B 182 -10.33 7.09 -13.39
CA GLU B 182 -10.78 8.48 -13.36
C GLU B 182 -9.87 9.31 -14.26
N GLY B 183 -10.46 10.16 -15.07
CA GLY B 183 -9.68 11.02 -15.96
C GLY B 183 -9.15 12.24 -15.22
N PRO B 184 -8.56 13.17 -15.97
CA PRO B 184 -7.98 14.36 -15.32
C PRO B 184 -9.03 15.27 -14.67
N SER B 185 -8.65 15.94 -13.59
CA SER B 185 -9.52 16.89 -12.90
CA SER B 185 -9.53 16.90 -12.93
C SER B 185 -8.86 18.28 -12.85
N TYR B 186 -9.67 19.33 -12.71
CA TYR B 186 -9.19 20.71 -12.72
C TYR B 186 -9.96 21.58 -11.74
N THR B 187 -9.31 22.65 -11.27
CA THR B 187 -10.00 23.65 -10.50
C THR B 187 -9.42 25.04 -10.83
N ARG B 188 -9.85 26.04 -10.09
CA ARG B 188 -9.48 27.42 -10.41
C ARG B 188 -7.98 27.67 -10.22
N PRO B 189 -7.39 28.62 -11.00
CA PRO B 189 -8.00 29.48 -12.03
C PRO B 189 -8.17 28.77 -13.36
N PRO B 190 -8.98 29.32 -14.27
CA PRO B 190 -9.24 28.60 -15.53
C PRO B 190 -8.06 28.62 -16.50
N SER B 191 -7.13 29.54 -16.28
CA SER B 191 -5.85 29.54 -17.02
C SER B 191 -4.68 29.66 -16.04
N TRP B 192 -3.66 28.83 -16.19
CA TRP B 192 -2.54 28.83 -15.26
C TRP B 192 -1.25 28.46 -15.98
N ARG B 193 -0.23 29.31 -15.85
CA ARG B 193 1.03 29.19 -16.59
C ARG B 193 0.84 28.93 -18.08
N GLY B 194 -0.18 29.56 -18.66
CA GLY B 194 -0.44 29.42 -20.09
C GLY B 194 -1.13 28.10 -20.43
N MET B 195 -1.59 27.39 -19.41
CA MET B 195 -2.33 26.14 -19.60
C MET B 195 -3.79 26.32 -19.22
N ASP B 196 -4.70 26.10 -20.17
CA ASP B 196 -6.13 26.36 -19.97
C ASP B 196 -6.89 25.10 -19.55
N VAL B 197 -7.88 25.26 -18.67
CA VAL B 197 -8.81 24.17 -18.39
C VAL B 197 -9.61 23.89 -19.67
N PRO B 198 -9.86 22.61 -19.98
CA PRO B 198 -10.68 22.24 -21.15
C PRO B 198 -12.00 23.01 -21.16
N PRO B 199 -12.28 23.73 -22.26
CA PRO B 199 -13.43 24.63 -22.32
C PRO B 199 -14.77 23.95 -22.01
N VAL B 200 -14.89 22.67 -22.36
CA VAL B 200 -16.16 21.98 -22.15
C VAL B 200 -16.48 21.96 -20.65
N LEU B 201 -15.45 21.92 -19.81
CA LEU B 201 -15.66 21.87 -18.36
C LEU B 201 -16.18 23.20 -17.82
N LEU B 202 -16.01 24.26 -18.59
CA LEU B 202 -16.47 25.59 -18.19
C LEU B 202 -17.82 25.95 -18.79
N SER B 203 -18.35 25.07 -19.63
CA SER B 203 -19.53 25.39 -20.44
C SER B 203 -20.87 25.18 -19.74
N GLY B 204 -20.88 24.38 -18.67
CA GLY B 204 -22.12 24.10 -17.96
C GLY B 204 -23.04 23.09 -18.66
N ASP B 205 -22.58 22.53 -19.77
CA ASP B 205 -23.36 21.51 -20.49
C ASP B 205 -23.11 20.13 -19.87
N HIS B 206 -24.00 19.74 -18.97
CA HIS B 206 -23.84 18.50 -18.21
C HIS B 206 -23.65 17.29 -19.11
N ALA B 207 -24.32 17.28 -20.26
CA ALA B 207 -24.23 16.14 -21.16
C ALA B 207 -22.88 16.10 -21.89
N LYS B 208 -22.41 17.25 -22.35
CA LYS B 208 -21.12 17.30 -23.04
C LYS B 208 -19.96 17.05 -22.07
N ILE B 209 -20.09 17.55 -20.84
CA ILE B 209 -19.09 17.31 -19.80
C ILE B 209 -19.01 15.81 -19.44
N ALA B 210 -20.18 15.17 -19.36
CA ALA B 210 -20.22 13.75 -19.07
C ALA B 210 -19.58 12.95 -20.19
N ALA B 211 -19.85 13.38 -21.43
CA ALA B 211 -19.33 12.70 -22.60
C ALA B 211 -17.81 12.85 -22.67
N TRP B 212 -17.33 14.05 -22.42
CA TRP B 212 -15.90 14.33 -22.47
C TRP B 212 -15.15 13.55 -21.40
N ARG B 213 -15.73 13.50 -20.20
CA ARG B 213 -15.10 12.78 -19.09
C ARG B 213 -15.09 11.29 -19.32
N ALA B 214 -16.19 10.77 -19.88
CA ALA B 214 -16.26 9.37 -20.24
C ALA B 214 -15.13 9.04 -21.20
N GLU B 215 -15.01 9.86 -22.24
CA GLU B 215 -13.95 9.68 -23.23
C GLU B 215 -12.56 9.75 -22.61
N GLN B 216 -12.31 10.79 -21.82
CA GLN B 216 -10.99 10.96 -21.19
C GLN B 216 -10.62 9.75 -20.36
N SER B 217 -11.62 9.20 -19.67
CA SER B 217 -11.44 8.02 -18.83
CA SER B 217 -11.40 8.04 -18.82
C SER B 217 -11.05 6.80 -19.65
N ARG B 218 -11.69 6.63 -20.80
CA ARG B 218 -11.36 5.47 -21.60
CA ARG B 218 -11.39 5.54 -21.74
C ARG B 218 -9.98 5.65 -22.29
N GLN B 219 -9.62 6.88 -22.66
CA GLN B 219 -8.28 7.16 -23.19
C GLN B 219 -7.20 6.84 -22.15
N ARG B 220 -7.45 7.24 -20.90
CA ARG B 220 -6.47 7.01 -19.83
C ARG B 220 -6.36 5.53 -19.45
N THR B 221 -7.50 4.83 -19.45
CA THR B 221 -7.50 3.42 -19.09
C THR B 221 -6.77 2.58 -20.15
N ILE B 222 -7.05 2.86 -21.43
CA ILE B 222 -6.41 2.10 -22.51
C ILE B 222 -4.89 2.33 -22.46
N GLU B 223 -4.46 3.53 -22.06
CA GLU B 223 -3.03 3.82 -22.00
C GLU B 223 -2.34 3.30 -20.73
N ARG B 224 -2.98 3.51 -19.58
CA ARG B 224 -2.33 3.17 -18.31
C ARG B 224 -2.70 1.78 -17.78
N ARG B 225 -3.91 1.31 -18.05
CA ARG B 225 -4.37 0.04 -17.48
C ARG B 225 -5.17 -0.76 -18.51
N PRO B 226 -4.54 -1.13 -19.63
CA PRO B 226 -5.30 -1.84 -20.67
C PRO B 226 -5.95 -3.14 -20.16
N ASP B 227 -5.35 -3.72 -19.13
CA ASP B 227 -5.89 -4.93 -18.53
C ASP B 227 -7.33 -4.75 -18.06
N LEU B 228 -7.68 -3.54 -17.60
CA LEU B 228 -9.03 -3.31 -17.05
C LEU B 228 -10.09 -3.45 -18.12
N LEU B 229 -9.70 -3.25 -19.36
CA LEU B 229 -10.66 -3.35 -20.46
C LEU B 229 -10.50 -4.66 -21.21
N GLY B 230 -9.76 -5.59 -20.61
CA GLY B 230 -9.55 -6.89 -21.22
C GLY B 230 -8.53 -6.93 -22.34
N PHE B 231 -7.53 -6.06 -22.29
CA PHE B 231 -6.45 -6.14 -23.28
C PHE B 231 -5.14 -6.58 -22.66
N ASP B 232 -4.19 -6.98 -23.52
CA ASP B 232 -2.87 -7.38 -23.06
C ASP B 232 -2.18 -6.24 -22.34
N SER B 233 -1.44 -6.58 -21.28
CA SER B 233 -0.65 -5.61 -20.55
C SER B 233 0.68 -5.44 -21.25
N PRO B 234 1.31 -4.26 -21.09
CA PRO B 234 2.61 -4.05 -21.74
C PRO B 234 3.68 -5.00 -21.20
#